data_7NMA
#
_entry.id   7NMA
#
_cell.length_a   83.250
_cell.length_b   112.717
_cell.length_c   62.859
_cell.angle_alpha   90.000
_cell.angle_beta   90.000
_cell.angle_gamma   90.000
#
_symmetry.space_group_name_H-M   'C 2 2 21'
#
loop_
_entity.id
_entity.type
_entity.pdbx_description
1 polymer '14-3-3 protein sigma'
2 polymer 'Amot-p130 phosphopeptide (pS175)'
3 non-polymer 'CHLORIDE ION'
4 non-polymer 'MAGNESIUM ION'
5 water water
#
loop_
_entity_poly.entity_id
_entity_poly.type
_entity_poly.pdbx_seq_one_letter_code
_entity_poly.pdbx_strand_id
1 'polypeptide(L)'
;GAMGSMERASLIQKAKLAEQAERYEDMAAFMKGAVEKGEELS(CSO)EERNLLSVAYKNVVGGQRAAWRVLSSIEQKSNE
EGSEEKGPEVREYREKVETELQGVCDTVLGLLDSHLIKEAGDAESRVFYLKMKGDYYRYLAEVATGDDKKRIIDSARSAY
QEAMDISKKEMPPTNPIRLGLALNFSVFHYEIANSPEEAISLAKTTFDEAMADLHTLSEDSYKDSTLIMQLLRDNLTLWT
ADNAGEEGGEAPQEPQS
;
A
2 'polypeptide(L)' GHVRSL(SEP)ERLMQM P
#
loop_
_chem_comp.id
_chem_comp.type
_chem_comp.name
_chem_comp.formula
CL non-polymer 'CHLORIDE ION' 'Cl -1'
MG non-polymer 'MAGNESIUM ION' 'Mg 2'
#
# COMPACT_ATOMS: atom_id res chain seq x y z
N GLY A 1 -8.53 -16.53 -17.28
CA GLY A 1 -7.81 -16.62 -15.98
C GLY A 1 -7.93 -18.01 -15.39
N ALA A 2 -6.87 -18.47 -14.72
CA ALA A 2 -6.86 -19.84 -14.22
C ALA A 2 -7.88 -20.06 -13.10
N MET A 3 -8.40 -18.98 -12.51
CA MET A 3 -9.42 -19.07 -11.47
C MET A 3 -10.83 -18.91 -12.01
N GLY A 4 -10.97 -18.81 -13.34
CA GLY A 4 -12.26 -18.56 -13.93
C GLY A 4 -13.28 -19.66 -13.69
N SER A 5 -12.82 -20.89 -13.46
CA SER A 5 -13.73 -22.01 -13.20
C SER A 5 -14.09 -22.18 -11.72
N MET A 6 -13.50 -21.42 -10.80
CA MET A 6 -13.79 -21.61 -9.39
C MET A 6 -14.82 -20.60 -8.86
N GLU A 7 -15.76 -21.10 -8.04
CA GLU A 7 -16.77 -20.23 -7.44
C GLU A 7 -16.15 -19.07 -6.67
N ARG A 8 -16.83 -17.92 -6.70
CA ARG A 8 -16.38 -16.75 -5.93
C ARG A 8 -16.20 -17.10 -4.45
N ALA A 9 -17.18 -17.77 -3.84
CA ALA A 9 -17.08 -18.05 -2.41
C ALA A 9 -15.92 -19.00 -2.09
N SER A 10 -15.67 -19.97 -2.97
CA SER A 10 -14.55 -20.89 -2.80
C SER A 10 -13.20 -20.17 -2.88
N LEU A 11 -13.09 -19.18 -3.78
CA LEU A 11 -11.86 -18.38 -3.86
C LEU A 11 -11.64 -17.60 -2.57
N ILE A 12 -12.68 -17.02 -1.99
CA ILE A 12 -12.53 -16.29 -0.74
CA ILE A 12 -12.49 -16.28 -0.75
C ILE A 12 -12.15 -17.24 0.39
N GLN A 13 -12.82 -18.41 0.45
CA GLN A 13 -12.48 -19.39 1.47
C GLN A 13 -11.01 -19.82 1.37
N LYS A 14 -10.52 -20.07 0.15
CA LYS A 14 -9.13 -20.50 -0.03
C LYS A 14 -8.16 -19.36 0.24
N ALA A 15 -8.53 -18.11 -0.05
CA ALA A 15 -7.69 -16.98 0.32
C ALA A 15 -7.46 -16.96 1.82
N LYS A 16 -8.50 -17.27 2.61
CA LYS A 16 -8.35 -17.26 4.07
C LYS A 16 -7.46 -18.41 4.53
N LEU A 17 -7.57 -19.56 3.88
CA LEU A 17 -6.69 -20.69 4.19
C LEU A 17 -5.22 -20.40 3.84
N ALA A 18 -4.98 -19.81 2.67
CA ALA A 18 -3.63 -19.44 2.28
C ALA A 18 -3.02 -18.46 3.28
N GLU A 19 -3.82 -17.52 3.80
CA GLU A 19 -3.31 -16.63 4.83
C GLU A 19 -2.87 -17.40 6.08
N GLN A 20 -3.67 -18.38 6.51
CA GLN A 20 -3.29 -19.16 7.69
C GLN A 20 -2.00 -19.93 7.44
N ALA A 21 -1.79 -20.36 6.21
CA ALA A 21 -0.64 -21.15 5.84
C ALA A 21 0.54 -20.28 5.42
N GLU A 22 0.38 -18.95 5.47
CA GLU A 22 1.39 -17.99 5.01
C GLU A 22 1.82 -18.23 3.56
N ARG A 23 0.84 -18.60 2.72
CA ARG A 23 1.04 -18.77 1.28
C ARG A 23 0.48 -17.55 0.54
N TYR A 24 1.26 -16.47 0.58
CA TYR A 24 0.70 -15.21 0.13
C TYR A 24 0.58 -15.08 -1.39
N GLU A 25 1.44 -15.74 -2.17
N GLU A 25 1.44 -15.75 -2.15
CA GLU A 25 1.27 -15.73 -3.61
CA GLU A 25 1.26 -15.74 -3.60
C GLU A 25 -0.03 -16.41 -4.00
C GLU A 25 -0.03 -16.43 -4.00
N ASP A 26 -0.32 -17.58 -3.41
CA ASP A 26 -1.61 -18.25 -3.63
C ASP A 26 -2.76 -17.33 -3.21
N MET A 27 -2.63 -16.71 -2.04
CA MET A 27 -3.68 -15.82 -1.52
C MET A 27 -4.02 -14.72 -2.52
N ALA A 28 -2.98 -14.12 -3.13
CA ALA A 28 -3.18 -13.05 -4.08
C ALA A 28 -3.84 -13.56 -5.37
N ALA A 29 -3.44 -14.74 -5.85
CA ALA A 29 -4.06 -15.32 -7.03
C ALA A 29 -5.54 -15.60 -6.79
N PHE A 30 -5.88 -16.11 -5.59
CA PHE A 30 -7.27 -16.38 -5.26
C PHE A 30 -8.08 -15.08 -5.23
N MET A 31 -7.52 -14.02 -4.62
CA MET A 31 -8.26 -12.76 -4.52
C MET A 31 -8.34 -12.05 -5.86
N LYS A 32 -7.32 -12.19 -6.72
CA LYS A 32 -7.44 -11.69 -8.09
C LYS A 32 -8.59 -12.38 -8.80
N GLY A 33 -8.67 -13.71 -8.67
CA GLY A 33 -9.80 -14.44 -9.24
C GLY A 33 -11.14 -13.95 -8.73
N ALA A 34 -11.24 -13.70 -7.41
CA ALA A 34 -12.46 -13.17 -6.81
C ALA A 34 -12.85 -11.81 -7.39
N VAL A 35 -11.89 -10.89 -7.49
CA VAL A 35 -12.16 -9.59 -8.10
C VAL A 35 -12.66 -9.75 -9.53
N GLU A 36 -12.05 -10.66 -10.29
CA GLU A 36 -12.42 -10.81 -11.70
C GLU A 36 -13.80 -11.42 -11.89
N LYS A 37 -14.46 -11.89 -10.83
CA LYS A 37 -15.87 -12.27 -10.97
C LYS A 37 -16.76 -11.07 -11.27
N GLY A 38 -16.30 -9.84 -10.99
CA GLY A 38 -17.01 -8.64 -11.37
C GLY A 38 -17.91 -8.03 -10.33
N GLU A 39 -18.13 -8.68 -9.19
CA GLU A 39 -18.91 -8.08 -8.10
C GLU A 39 -18.01 -7.21 -7.21
N GLU A 40 -18.63 -6.21 -6.59
CA GLU A 40 -17.92 -5.39 -5.62
C GLU A 40 -17.48 -6.25 -4.43
N LEU A 41 -16.53 -5.71 -3.66
CA LEU A 41 -15.92 -6.42 -2.54
C LEU A 41 -16.42 -5.85 -1.23
N SER A 42 -16.70 -6.73 -0.28
CA SER A 42 -17.06 -6.31 1.06
C SER A 42 -15.85 -5.78 1.82
N CSO A 43 -16.08 -5.19 3.00
N CSO A 43 -16.08 -5.24 3.02
CA CSO A 43 -14.97 -4.67 3.80
CA CSO A 43 -14.98 -4.67 3.80
CB CSO A 43 -15.51 -4.05 5.11
CB CSO A 43 -15.55 -3.98 5.04
SG CSO A 43 -14.21 -3.42 6.20
SG CSO A 43 -14.28 -3.71 6.30
C CSO A 43 -13.93 -5.78 4.06
C CSO A 43 -13.93 -5.74 4.18
O CSO A 43 -12.73 -5.61 3.83
O CSO A 43 -12.73 -5.47 4.15
OD CSO A 43 -13.65 -4.75 7.27
OD CSO A 43 -13.63 -2.06 6.17
HB2 CSO A 43 -16.01 -4.74 5.59
HB2 CSO A 43 -16.25 -4.53 5.43
HB3 CSO A 43 -16.11 -3.31 4.89
HB3 CSO A 43 -15.92 -3.11 4.80
HD CSO A 43 -12.95 -4.43 7.87
HD CSO A 43 -13.22 -1.93 5.30
N GLU A 44 -14.38 -6.94 4.50
CA GLU A 44 -13.47 -8.05 4.80
C GLU A 44 -12.70 -8.51 3.55
N GLU A 45 -13.39 -8.58 2.42
CA GLU A 45 -12.75 -9.02 1.17
C GLU A 45 -11.70 -8.01 0.69
N ARG A 46 -11.99 -6.71 0.84
CA ARG A 46 -11.00 -5.70 0.51
C ARG A 46 -9.75 -5.87 1.35
N ASN A 47 -9.91 -6.15 2.63
CA ASN A 47 -8.71 -6.35 3.44
C ASN A 47 -7.96 -7.62 3.06
N LEU A 48 -8.66 -8.69 2.66
CA LEU A 48 -7.93 -9.88 2.18
C LEU A 48 -7.08 -9.53 0.95
N LEU A 49 -7.68 -8.83 0.01
CA LEU A 49 -6.95 -8.42 -1.19
C LEU A 49 -5.70 -7.65 -0.81
N SER A 50 -5.82 -6.73 0.15
CA SER A 50 -4.70 -5.87 0.50
C SER A 50 -3.62 -6.65 1.24
N VAL A 51 -4.02 -7.47 2.22
CA VAL A 51 -3.06 -8.32 2.93
C VAL A 51 -2.26 -9.17 1.95
N ALA A 52 -2.93 -9.78 0.95
CA ALA A 52 -2.21 -10.72 0.09
C ALA A 52 -1.13 -10.02 -0.72
N TYR A 53 -1.51 -8.96 -1.43
CA TYR A 53 -0.55 -8.28 -2.30
C TYR A 53 0.48 -7.50 -1.49
N LYS A 54 0.12 -6.98 -0.30
CA LYS A 54 1.12 -6.29 0.50
C LYS A 54 2.26 -7.23 0.92
N ASN A 55 1.92 -8.47 1.26
CA ASN A 55 2.95 -9.44 1.60
C ASN A 55 3.77 -9.86 0.40
N VAL A 56 3.13 -10.07 -0.77
CA VAL A 56 3.91 -10.46 -1.95
C VAL A 56 4.89 -9.34 -2.32
N VAL A 57 4.39 -8.12 -2.46
CA VAL A 57 5.25 -7.01 -2.89
C VAL A 57 6.24 -6.69 -1.79
N GLY A 58 5.88 -6.92 -0.52
CA GLY A 58 6.81 -6.64 0.57
C GLY A 58 8.05 -7.50 0.53
N GLY A 59 7.91 -8.78 0.17
CA GLY A 59 9.07 -9.63 0.02
C GLY A 59 9.93 -9.24 -1.17
N GLN A 60 9.30 -8.84 -2.28
CA GLN A 60 10.02 -8.34 -3.45
C GLN A 60 10.79 -7.07 -3.13
N ARG A 61 10.17 -6.15 -2.38
CA ARG A 61 10.86 -4.89 -2.05
C ARG A 61 12.08 -5.17 -1.17
N ALA A 62 11.95 -6.03 -0.18
CA ALA A 62 13.06 -6.39 0.69
C ALA A 62 14.19 -7.01 -0.12
N ALA A 63 13.86 -7.85 -1.10
CA ALA A 63 14.91 -8.46 -1.93
C ALA A 63 15.59 -7.44 -2.84
N TRP A 64 14.78 -6.60 -3.51
CA TRP A 64 15.34 -5.55 -4.36
C TRP A 64 16.29 -4.64 -3.57
N ARG A 65 15.97 -4.36 -2.30
CA ARG A 65 16.84 -3.49 -1.50
C ARG A 65 18.18 -4.16 -1.20
N VAL A 66 18.16 -5.45 -0.84
CA VAL A 66 19.41 -6.19 -0.65
C VAL A 66 20.27 -6.10 -1.91
N LEU A 67 19.66 -6.39 -3.06
CA LEU A 67 20.40 -6.49 -4.31
C LEU A 67 20.87 -5.12 -4.81
N SER A 68 20.04 -4.10 -4.69
CA SER A 68 20.43 -2.74 -5.09
C SER A 68 21.64 -2.27 -4.28
N SER A 69 21.68 -2.61 -3.00
CA SER A 69 22.79 -2.22 -2.12
C SER A 69 24.07 -2.93 -2.54
N ILE A 70 23.99 -4.23 -2.83
CA ILE A 70 25.14 -4.94 -3.37
C ILE A 70 25.61 -4.30 -4.68
N GLU A 71 24.66 -3.95 -5.55
CA GLU A 71 24.99 -3.33 -6.83
C GLU A 71 25.68 -1.99 -6.63
N GLN A 72 25.18 -1.18 -5.70
CA GLN A 72 25.78 0.14 -5.48
C GLN A 72 27.19 0.01 -4.92
N LYS A 73 27.43 -0.94 -4.01
CA LYS A 73 28.78 -1.15 -3.50
C LYS A 73 29.73 -1.58 -4.61
N SER A 74 29.24 -2.38 -5.58
CA SER A 74 30.10 -2.84 -6.66
C SER A 74 30.57 -1.68 -7.53
N ASN A 75 29.90 -0.54 -7.48
CA ASN A 75 30.22 0.60 -8.33
C ASN A 75 30.96 1.70 -7.58
N GLU A 76 31.55 1.38 -6.43
CA GLU A 76 32.41 2.33 -5.72
C GLU A 76 33.84 2.23 -6.25
N GLU A 77 34.64 3.26 -6.00
CA SER A 79 35.57 -2.61 -5.81
C SER A 79 35.97 -3.38 -7.06
N GLU A 80 36.25 -4.67 -6.90
CA GLU A 80 36.61 -5.52 -8.04
C GLU A 80 35.38 -5.79 -8.90
N GLU A 81 35.62 -5.98 -10.19
CA GLU A 81 34.55 -6.18 -11.18
C GLU A 81 34.00 -7.61 -11.16
N GLY A 83 31.35 -8.53 -13.29
CA GLY A 83 30.49 -8.92 -14.40
C GLY A 83 29.06 -8.43 -14.28
N PRO A 84 28.19 -8.86 -15.19
CA PRO A 84 26.83 -8.31 -15.28
C PRO A 84 25.81 -8.96 -14.36
N GLU A 85 26.22 -9.91 -13.53
CA GLU A 85 25.26 -10.75 -12.85
C GLU A 85 24.45 -10.00 -11.80
N VAL A 86 25.10 -9.14 -11.01
CA VAL A 86 24.37 -8.44 -9.96
C VAL A 86 23.28 -7.58 -10.58
N ARG A 87 23.64 -6.79 -11.61
CA ARG A 87 22.65 -5.96 -12.30
C ARG A 87 21.55 -6.83 -12.91
N GLU A 88 21.93 -7.91 -13.58
CA GLU A 88 20.94 -8.77 -14.21
C GLU A 88 19.92 -9.29 -13.20
N TYR A 89 20.40 -9.75 -12.04
CA TYR A 89 19.47 -10.35 -11.09
C TYR A 89 18.64 -9.28 -10.37
N ARG A 90 19.22 -8.09 -10.09
CA ARG A 90 18.39 -6.98 -9.60
C ARG A 90 17.29 -6.62 -10.60
N GLU A 91 17.62 -6.57 -11.90
CA GLU A 91 16.64 -6.28 -12.92
C GLU A 91 15.55 -7.35 -12.96
N LYS A 92 15.91 -8.60 -12.72
CA LYS A 92 14.92 -9.68 -12.76
C LYS A 92 13.89 -9.50 -11.64
N VAL A 93 14.38 -9.26 -10.42
CA VAL A 93 13.51 -9.03 -9.28
C VAL A 93 12.68 -7.75 -9.48
N GLU A 94 13.33 -6.66 -9.91
CA GLU A 94 12.64 -5.41 -10.20
C GLU A 94 11.50 -5.61 -11.21
N THR A 95 11.76 -6.38 -12.25
CA THR A 95 10.73 -6.60 -13.27
C THR A 95 9.54 -7.36 -12.69
N GLU A 96 9.79 -8.34 -11.82
CA GLU A 96 8.72 -9.10 -11.18
CA GLU A 96 8.70 -9.09 -11.21
C GLU A 96 7.91 -8.20 -10.25
N LEU A 97 8.59 -7.34 -9.50
CA LEU A 97 7.94 -6.36 -8.64
C LEU A 97 7.02 -5.44 -9.42
N GLN A 98 7.52 -4.89 -10.53
CA GLN A 98 6.71 -4.01 -11.37
C GLN A 98 5.50 -4.75 -11.94
N GLY A 99 5.67 -6.03 -12.29
CA GLY A 99 4.52 -6.79 -12.77
C GLY A 99 3.43 -6.96 -11.72
N VAL A 100 3.82 -7.18 -10.47
CA VAL A 100 2.84 -7.27 -9.39
C VAL A 100 2.12 -5.94 -9.20
N CYS A 101 2.89 -4.83 -9.18
CA CYS A 101 2.27 -3.51 -9.05
C CYS A 101 1.30 -3.24 -10.19
N ASP A 102 1.70 -3.54 -11.42
CA ASP A 102 0.81 -3.35 -12.57
C ASP A 102 -0.44 -4.23 -12.48
N THR A 103 -0.30 -5.45 -11.94
CA THR A 103 -1.47 -6.31 -11.76
C THR A 103 -2.48 -5.67 -10.80
N VAL A 104 -1.99 -5.17 -9.65
CA VAL A 104 -2.89 -4.54 -8.68
C VAL A 104 -3.53 -3.29 -9.29
N LEU A 105 -2.72 -2.46 -9.97
CA LEU A 105 -3.27 -1.23 -10.53
C LEU A 105 -4.29 -1.53 -11.60
N GLY A 106 -4.11 -2.62 -12.34
CA GLY A 106 -5.08 -3.03 -13.33
C GLY A 106 -6.41 -3.47 -12.73
N LEU A 107 -6.36 -4.16 -11.58
CA LEU A 107 -7.59 -4.54 -10.90
C LEU A 107 -8.33 -3.31 -10.41
N LEU A 108 -7.60 -2.33 -9.88
CA LEU A 108 -8.24 -1.10 -9.41
C LEU A 108 -8.90 -0.34 -10.56
N ASP A 109 -8.26 -0.31 -11.73
CA ASP A 109 -8.75 0.40 -12.90
C ASP A 109 -9.81 -0.38 -13.67
N SER A 110 -9.84 -1.70 -13.53
CA SER A 110 -10.82 -2.56 -14.22
C SER A 110 -11.41 -3.59 -13.25
N HIS A 111 -12.36 -3.20 -12.41
CA HIS A 111 -13.10 -1.94 -12.44
C HIS A 111 -13.44 -1.54 -11.00
N LEU A 112 -12.55 -1.85 -10.05
CA LEU A 112 -12.89 -1.66 -8.64
C LEU A 112 -13.19 -0.21 -8.32
N ILE A 113 -12.35 0.71 -8.80
CA ILE A 113 -12.51 2.10 -8.35
C ILE A 113 -13.80 2.70 -8.92
N LYS A 114 -14.09 2.46 -10.20
CA LYS A 114 -15.23 3.13 -10.80
C LYS A 114 -16.56 2.65 -10.22
N GLU A 115 -16.60 1.46 -9.61
CA GLU A 115 -17.83 0.99 -8.98
C GLU A 115 -17.94 1.33 -7.50
N ALA A 116 -16.88 1.90 -6.90
CA ALA A 116 -16.84 2.16 -5.47
C ALA A 116 -17.47 3.53 -5.19
N GLY A 117 -18.65 3.51 -4.59
CA GLY A 117 -19.39 4.72 -4.29
C GLY A 117 -19.35 5.17 -2.83
N ASP A 118 -19.23 4.25 -1.89
CA ASP A 118 -19.17 4.63 -0.49
C ASP A 118 -17.77 5.10 -0.12
N ALA A 119 -17.71 5.99 0.88
CA ALA A 119 -16.42 6.56 1.29
C ALA A 119 -15.43 5.49 1.73
N GLU A 120 -15.89 4.47 2.48
CA GLU A 120 -14.96 3.47 3.00
C GLU A 120 -14.31 2.65 1.89
N SER A 121 -15.07 2.31 0.84
CA SER A 121 -14.48 1.57 -0.26
C SER A 121 -13.67 2.47 -1.19
N ARG A 122 -14.19 3.64 -1.54
CA ARG A 122 -13.48 4.51 -2.48
C ARG A 122 -12.15 4.98 -1.92
N VAL A 123 -12.11 5.39 -0.64
CA VAL A 123 -10.86 5.81 -0.01
C VAL A 123 -9.89 4.62 0.08
N PHE A 124 -10.40 3.43 0.41
CA PHE A 124 -9.51 2.26 0.49
C PHE A 124 -8.82 2.00 -0.84
N TYR A 125 -9.57 2.08 -1.95
CA TYR A 125 -9.00 1.71 -3.24
C TYR A 125 -8.08 2.82 -3.76
N LEU A 126 -8.43 4.09 -3.50
CA LEU A 126 -7.55 5.17 -3.93
C LEU A 126 -6.24 5.17 -3.14
N LYS A 127 -6.31 4.91 -1.83
CA LYS A 127 -5.10 4.70 -1.05
C LYS A 127 -4.24 3.58 -1.66
N MET A 128 -4.87 2.44 -1.97
CA MET A 128 -4.15 1.33 -2.61
C MET A 128 -3.45 1.78 -3.88
N LYS A 129 -4.15 2.56 -4.72
CA LYS A 129 -3.55 3.04 -5.95
C LYS A 129 -2.31 3.88 -5.65
N GLY A 130 -2.41 4.78 -4.68
CA GLY A 130 -1.24 5.56 -4.29
C GLY A 130 -0.11 4.69 -3.81
N ASP A 131 -0.43 3.66 -3.00
CA ASP A 131 0.58 2.77 -2.45
C ASP A 131 1.35 2.07 -3.57
N TYR A 132 0.64 1.52 -4.58
CA TYR A 132 1.33 0.70 -5.59
C TYR A 132 2.05 1.58 -6.63
N TYR A 133 1.60 2.82 -6.87
CA TYR A 133 2.45 3.74 -7.60
C TYR A 133 3.66 4.16 -6.77
N ARG A 134 3.53 4.22 -5.44
CA ARG A 134 4.69 4.52 -4.61
C ARG A 134 5.73 3.40 -4.69
N TYR A 135 5.30 2.15 -4.70
CA TYR A 135 6.26 1.06 -4.83
C TYR A 135 6.94 1.10 -6.20
N LEU A 136 6.19 1.44 -7.26
CA LEU A 136 6.83 1.63 -8.56
C LEU A 136 7.86 2.76 -8.49
N ALA A 137 7.54 3.83 -7.77
CA ALA A 137 8.46 4.98 -7.69
C ALA A 137 9.76 4.63 -6.99
N GLU A 138 9.72 3.73 -5.99
CA GLU A 138 10.92 3.38 -5.26
C GLU A 138 12.01 2.81 -6.18
N VAL A 139 11.62 2.17 -7.28
CA VAL A 139 12.57 1.54 -8.19
C VAL A 139 12.69 2.26 -9.51
N ALA A 140 11.97 3.36 -9.70
CA ALA A 140 11.94 4.06 -10.98
C ALA A 140 13.17 4.95 -11.14
N THR A 141 13.62 5.09 -12.40
CA THR A 141 14.76 5.94 -12.76
C THR A 141 14.42 6.66 -14.07
N GLY A 142 13.72 7.79 -13.99
CA GLY A 142 13.39 8.62 -15.14
C GLY A 142 13.44 7.94 -16.50
N ASP A 144 9.69 9.82 -16.46
N ASP A 144 7.81 8.30 -16.75
CA ASP A 144 9.16 8.50 -16.10
CA ASP A 144 9.04 8.04 -16.02
C ASP A 144 8.90 8.44 -14.60
C ASP A 144 8.87 8.20 -14.53
N LYS A 145 9.98 8.42 -13.82
CA LYS A 145 9.93 8.61 -12.38
C LYS A 145 8.98 9.75 -12.01
N LYS A 146 9.03 10.86 -12.73
CA LYS A 146 8.22 12.01 -12.35
C LYS A 146 6.74 11.77 -12.56
N ARG A 147 6.37 11.11 -13.66
CA ARG A 147 4.97 10.79 -13.91
C ARG A 147 4.45 9.78 -12.89
N ILE A 148 5.29 8.80 -12.52
CA ILE A 148 4.89 7.80 -11.53
C ILE A 148 4.64 8.47 -10.18
N ILE A 149 5.56 9.36 -9.78
CA ILE A 149 5.40 10.09 -8.51
C ILE A 149 4.13 10.92 -8.53
N ASP A 150 3.84 11.58 -9.65
CA ASP A 150 2.62 12.39 -9.69
CA ASP A 150 2.63 12.40 -9.74
C ASP A 150 1.37 11.52 -9.67
N SER A 151 1.42 10.32 -10.26
CA SER A 151 0.28 9.43 -10.18
C SER A 151 0.04 8.99 -8.73
N ALA A 152 1.10 8.68 -7.98
CA ALA A 152 0.91 8.36 -6.56
C ALA A 152 0.32 9.56 -5.82
N ARG A 153 0.91 10.74 -6.01
CA ARG A 153 0.42 11.93 -5.31
CA ARG A 153 0.44 11.95 -5.34
C ARG A 153 -1.04 12.19 -5.61
N SER A 154 -1.42 12.09 -6.88
CA SER A 154 -2.79 12.36 -7.27
C SER A 154 -3.78 11.41 -6.61
N ALA A 155 -3.45 10.12 -6.56
CA ALA A 155 -4.35 9.15 -5.93
C ALA A 155 -4.48 9.39 -4.43
N TYR A 156 -3.35 9.64 -3.75
CA TYR A 156 -3.41 9.94 -2.31
C TYR A 156 -4.24 11.19 -2.04
N GLN A 157 -4.07 12.23 -2.86
CA GLN A 157 -4.76 13.51 -2.63
C GLN A 157 -6.26 13.36 -2.79
N GLU A 158 -6.70 12.58 -3.78
CA GLU A 158 -8.13 12.37 -3.95
C GLU A 158 -8.70 11.58 -2.78
N ALA A 159 -7.96 10.57 -2.32
CA ALA A 159 -8.37 9.82 -1.14
C ALA A 159 -8.43 10.73 0.08
N MET A 160 -7.44 11.59 0.25
CA MET A 160 -7.43 12.49 1.40
C MET A 160 -8.65 13.42 1.39
N ASP A 161 -8.97 14.01 0.23
CA ASP A 161 -10.10 14.97 0.20
C ASP A 161 -11.41 14.28 0.60
N ILE A 162 -11.63 13.06 0.09
CA ILE A 162 -12.83 12.32 0.45
C ILE A 162 -12.84 12.00 1.94
N SER A 163 -11.72 11.49 2.46
CA SER A 163 -11.68 11.02 3.84
C SER A 163 -11.90 12.16 4.82
N LYS A 164 -11.38 13.34 4.51
CA LYS A 164 -11.60 14.48 5.41
C LYS A 164 -13.05 14.95 5.38
N LYS A 165 -13.73 14.81 4.25
CA LYS A 165 -15.13 15.22 4.17
C LYS A 165 -16.06 14.20 4.81
N GLU A 166 -15.73 12.92 4.69
CA GLU A 166 -16.69 11.85 4.91
C GLU A 166 -16.40 10.96 6.10
N MET A 167 -15.23 11.06 6.72
CA MET A 167 -14.84 10.15 7.79
C MET A 167 -14.39 10.91 9.02
N PRO A 168 -14.56 10.34 10.22
CA PRO A 168 -14.06 11.00 11.43
C PRO A 168 -12.56 10.88 11.51
N PRO A 169 -11.90 11.72 12.31
CA PRO A 169 -10.42 11.74 12.31
C PRO A 169 -9.78 10.49 12.87
N THR A 170 -10.51 9.67 13.64
CA THR A 170 -9.95 8.43 14.17
C THR A 170 -10.21 7.21 13.30
N ASN A 171 -10.90 7.37 12.18
CA ASN A 171 -11.20 6.24 11.31
C ASN A 171 -9.92 5.52 10.87
N PRO A 172 -9.81 4.20 11.09
CA PRO A 172 -8.53 3.51 10.78
C PRO A 172 -8.08 3.63 9.33
N ILE A 173 -9.01 3.71 8.38
CA ILE A 173 -8.62 3.86 6.97
C ILE A 173 -8.08 5.25 6.71
N ARG A 174 -8.76 6.27 7.25
CA ARG A 174 -8.28 7.64 7.17
C ARG A 174 -6.89 7.78 7.80
N LEU A 175 -6.69 7.15 8.97
CA LEU A 175 -5.38 7.20 9.63
C LEU A 175 -4.29 6.48 8.82
N GLY A 176 -4.59 5.29 8.30
CA GLY A 176 -3.60 4.58 7.50
C GLY A 176 -3.24 5.31 6.21
N LEU A 177 -4.24 5.96 5.60
CA LEU A 177 -4.00 6.79 4.43
C LEU A 177 -3.05 7.93 4.75
N ALA A 178 -3.32 8.67 5.82
CA ALA A 178 -2.49 9.81 6.17
C ALA A 178 -1.07 9.36 6.54
N LEU A 179 -0.96 8.25 7.27
CA LEU A 179 0.35 7.67 7.55
C LEU A 179 1.13 7.41 6.26
N ASN A 180 0.50 6.75 5.27
CA ASN A 180 1.22 6.37 4.05
C ASN A 180 1.51 7.58 3.15
N PHE A 181 0.59 8.56 3.09
CA PHE A 181 0.88 9.79 2.34
C PHE A 181 2.05 10.51 3.00
N SER A 182 2.18 10.44 4.32
CA SER A 182 3.31 11.13 4.94
C SER A 182 4.62 10.44 4.62
N VAL A 183 4.59 9.11 4.50
CA VAL A 183 5.79 8.36 4.10
C VAL A 183 6.15 8.67 2.66
N PHE A 184 5.13 8.80 1.79
CA PHE A 184 5.37 9.28 0.43
C PHE A 184 6.13 10.61 0.45
N HIS A 185 5.65 11.58 1.24
CA HIS A 185 6.30 12.88 1.28
C HIS A 185 7.74 12.78 1.72
N TYR A 186 8.00 11.97 2.74
CA TYR A 186 9.33 11.88 3.32
C TYR A 186 10.29 11.07 2.44
N GLU A 187 9.83 9.92 1.96
CA GLU A 187 10.71 8.95 1.30
C GLU A 187 10.76 9.13 -0.22
N ILE A 188 9.70 9.60 -0.85
CA ILE A 188 9.60 9.64 -2.31
C ILE A 188 9.70 11.06 -2.84
N ALA A 189 8.97 12.00 -2.22
CA ALA A 189 8.81 13.34 -2.77
C ALA A 189 9.82 14.36 -2.25
N ASN A 190 10.74 13.96 -1.39
CA ASN A 190 11.77 14.87 -0.86
C ASN A 190 11.12 16.07 -0.17
N SER A 191 10.07 15.82 0.61
CA SER A 191 9.33 16.88 1.29
C SER A 191 9.17 16.50 2.76
N PRO A 192 10.27 16.44 3.51
CA PRO A 192 10.15 16.00 4.92
C PRO A 192 9.34 16.95 5.78
N GLU A 193 9.34 18.25 5.49
CA GLU A 193 8.53 19.16 6.29
C GLU A 193 7.05 18.88 6.09
N GLU A 194 6.63 18.56 4.86
CA GLU A 194 5.23 18.21 4.62
C GLU A 194 4.87 16.91 5.33
N ALA A 195 5.76 15.92 5.27
CA ALA A 195 5.56 14.66 6.01
C ALA A 195 5.33 14.89 7.49
N ILE A 196 6.17 15.73 8.10
CA ILE A 196 6.07 15.98 9.55
C ILE A 196 4.78 16.71 9.88
N SER A 197 4.44 17.74 9.10
CA SER A 197 3.22 18.50 9.34
CA SER A 197 3.22 18.51 9.32
C SER A 197 1.98 17.62 9.21
N LEU A 198 1.95 16.76 8.20
CA LEU A 198 0.79 15.91 8.03
C LEU A 198 0.67 14.92 9.19
N ALA A 199 1.78 14.36 9.63
CA ALA A 199 1.72 13.37 10.71
C ALA A 199 1.27 14.01 12.02
N LYS A 200 1.79 15.20 12.34
CA LYS A 200 1.41 15.89 13.58
C LYS A 200 -0.06 16.27 13.58
N THR A 201 -0.54 16.89 12.50
CA THR A 201 -1.92 17.31 12.49
C THR A 201 -2.84 16.10 12.50
N THR A 202 -2.47 15.03 11.79
CA THR A 202 -3.27 13.80 11.82
C THR A 202 -3.34 13.24 13.24
N PHE A 203 -2.20 13.16 13.92
CA PHE A 203 -2.16 12.62 15.29
C PHE A 203 -2.99 13.49 16.24
N ASP A 204 -2.82 14.81 16.15
CA ASP A 204 -3.49 15.72 17.09
C ASP A 204 -5.01 15.69 16.91
N GLU A 205 -5.49 15.67 15.67
CA GLU A 205 -6.94 15.62 15.45
C GLU A 205 -7.52 14.28 15.86
N ALA A 206 -6.76 13.18 15.74
CA ALA A 206 -7.29 11.92 16.22
C ALA A 206 -7.35 11.91 17.74
N MET A 207 -6.29 12.43 18.39
CA MET A 207 -6.28 12.49 19.85
C MET A 207 -7.55 13.14 20.39
N ALA A 208 -7.98 14.23 19.76
CA ALA A 208 -9.11 15.00 20.24
C ALA A 208 -10.46 14.34 19.97
N ASP A 209 -10.51 13.28 19.17
CA ASP A 209 -11.73 12.54 18.83
C ASP A 209 -11.81 11.20 19.56
N LEU A 210 -10.77 10.79 20.31
CA LEU A 210 -10.77 9.48 20.92
C LEU A 210 -11.90 9.34 21.94
N HIS A 211 -12.28 10.43 22.60
CA HIS A 211 -13.31 10.36 23.63
C HIS A 211 -14.66 9.89 23.10
N THR A 212 -14.86 9.88 21.76
CA THR A 212 -16.13 9.46 21.19
C THR A 212 -16.23 7.96 21.00
N LEU A 213 -15.14 7.23 21.23
CA LEU A 213 -15.00 5.86 20.77
C LEU A 213 -15.26 4.84 21.88
N SER A 214 -15.70 3.67 21.45
CA SER A 214 -15.70 2.47 22.29
C SER A 214 -14.26 2.01 22.60
N GLU A 215 -14.17 1.10 23.57
CA GLU A 215 -12.88 0.53 23.95
C GLU A 215 -12.22 -0.19 22.78
N ASP A 216 -12.99 -0.93 22.00
CA ASP A 216 -12.40 -1.65 20.86
C ASP A 216 -11.95 -0.68 19.77
N SER A 217 -12.79 0.28 19.38
CA SER A 217 -12.38 1.29 18.41
C SER A 217 -11.19 2.12 18.91
N TYR A 218 -11.19 2.48 20.20
CA TYR A 218 -10.05 3.19 20.79
C TYR A 218 -8.74 2.43 20.57
N LYS A 219 -8.75 1.10 20.80
CA LYS A 219 -7.56 0.31 20.57
C LYS A 219 -7.15 0.31 19.10
N ASP A 220 -8.12 0.19 18.18
CA ASP A 220 -7.82 0.20 16.75
C ASP A 220 -7.15 1.50 16.31
N SER A 221 -7.69 2.64 16.74
CA SER A 221 -7.14 3.94 16.34
C SER A 221 -5.78 4.22 16.98
N THR A 222 -5.65 3.99 18.29
CA THR A 222 -4.39 4.28 18.95
C THR A 222 -3.26 3.40 18.43
N LEU A 223 -3.57 2.20 17.96
CA LEU A 223 -2.52 1.37 17.36
C LEU A 223 -1.86 2.10 16.17
N ILE A 224 -2.68 2.68 15.29
CA ILE A 224 -2.14 3.33 14.10
C ILE A 224 -1.53 4.67 14.46
N MET A 225 -2.14 5.39 15.40
CA MET A 225 -1.55 6.62 15.89
C MET A 225 -0.12 6.41 16.36
N GLN A 226 0.15 5.26 17.00
CA GLN A 226 1.49 5.00 17.48
C GLN A 226 2.51 4.96 16.34
N LEU A 227 2.10 4.49 15.16
CA LEU A 227 3.01 4.51 14.01
C LEU A 227 3.32 5.94 13.57
N LEU A 228 2.30 6.82 13.54
CA LEU A 228 2.57 8.23 13.29
C LEU A 228 3.56 8.77 14.29
N ARG A 229 3.40 8.42 15.56
CA ARG A 229 4.31 8.95 16.59
C ARG A 229 5.72 8.40 16.40
N ASP A 230 5.85 7.11 16.07
CA ASP A 230 7.16 6.53 15.86
C ASP A 230 7.89 7.23 14.72
N ASN A 231 7.18 7.52 13.63
CA ASN A 231 7.79 8.23 12.51
C ASN A 231 8.23 9.62 12.91
N LEU A 232 7.39 10.36 13.64
CA LEU A 232 7.78 11.69 14.08
C LEU A 232 9.05 11.64 14.93
N THR A 233 9.20 10.59 15.73
CA THR A 233 10.40 10.47 16.57
C THR A 233 11.64 10.26 15.71
N LEU A 234 11.50 9.54 14.60
CA LEU A 234 12.63 9.29 13.72
C LEU A 234 12.94 10.51 12.86
N TRP A 235 11.92 11.30 12.52
CA TRP A 235 12.06 12.41 11.59
C TRP A 235 12.46 13.70 12.27
N THR A 236 12.35 13.77 13.58
CA THR A 236 12.71 14.95 14.35
C THR A 236 13.64 14.55 15.49
N VAL B 3 17.59 4.33 8.34
CA VAL B 3 16.39 3.74 8.93
C VAL B 3 15.16 4.20 8.15
N ARG B 4 14.25 3.27 7.87
CA ARG B 4 13.15 3.52 6.97
C ARG B 4 11.88 3.86 7.74
N SER B 5 11.08 4.76 7.17
CA SER B 5 9.84 5.18 7.80
C SER B 5 8.87 4.01 7.87
N LEU B 6 8.01 4.03 8.89
CA LEU B 6 6.99 3.00 9.09
C LEU B 6 5.72 3.32 8.29
N SEP B 7 5.25 2.38 7.47
CA SEP B 7 4.00 2.59 6.76
CB SEP B 7 4.16 2.32 5.25
OG SEP B 7 4.57 0.99 5.04
C SEP B 7 2.93 1.68 7.37
O SEP B 7 3.20 0.88 8.27
P SEP B 7 4.83 0.54 3.50
O1P SEP B 7 5.23 -1.03 3.55
O2P SEP B 7 6.04 1.42 2.94
O3P SEP B 7 3.49 0.71 2.62
N GLU B 8 1.73 1.78 6.84
CA GLU B 8 0.55 1.19 7.46
C GLU B 8 0.67 -0.32 7.55
N ARG B 9 0.24 -0.86 8.68
CA ARG B 9 0.22 -2.29 8.95
C ARG B 9 -1.08 -2.91 8.48
N LEU B 10 -1.06 -4.22 8.36
CA LEU B 10 -2.20 -4.96 7.83
C LEU B 10 -3.32 -5.07 8.86
CL CL C . -7.03 -25.19 -4.77
MG MG D . -21.07 0.62 -5.93
#